data_6F70
#
_entry.id   6F70
#
_cell.length_a   53.060
_cell.length_b   78.500
_cell.length_c   67.860
_cell.angle_alpha   90.00
_cell.angle_beta   106.56
_cell.angle_gamma   90.00
#
_symmetry.space_group_name_H-M   'P 1 21 1'
#
loop_
_entity.id
_entity.type
_entity.pdbx_description
1 polymer 'glutathione transferase'
2 non-polymer GLUTATHIONE
3 non-polymer GLYCEROL
4 non-polymer DI(HYDROXYETHYL)ETHER
5 water water
#
_entity_poly.entity_id   1
_entity_poly.type   'polypeptide(L)'
_entity_poly.pdbx_seq_one_letter_code
;MSAQKRITLYMASASPFPHRVRLALEEAHATYEMIHISLVDKQDWYQKKVYPDRAQVPYLIYGGPELHPDEAPSPDAAKI
PESLVILEFLADLFPAAHLLPSDPVLRARARLFTTAVETELLPAQKAFFLMGGPPDAMLAALDALQARLPPAGGFAAGPQ
WSIADAAVMPILLRLRMSVTLEVGFFAPGAAPVVRAALESPRFARLQRYIADNVARPSMAATWDEAAVKAEFVGRFEKLR
SLKAAQHHHHHH
;
_entity_poly.pdbx_strand_id   A,B
#
loop_
_chem_comp.id
_chem_comp.type
_chem_comp.name
_chem_comp.formula
GOL non-polymer GLYCEROL 'C3 H8 O3'
GSH non-polymer GLUTATHIONE 'C10 H17 N3 O6 S'
PEG non-polymer DI(HYDROXYETHYL)ETHER 'C4 H10 O3'
#
# COMPACT_ATOMS: atom_id res chain seq x y z
N SER A 2 -24.01 18.78 -3.46
CA SER A 2 -25.10 17.98 -4.01
C SER A 2 -25.28 16.66 -3.22
N ALA A 3 -26.47 16.07 -3.31
CA ALA A 3 -26.66 14.76 -2.71
C ALA A 3 -25.88 13.70 -3.44
N GLN A 4 -25.57 13.91 -4.71
CA GLN A 4 -24.76 12.93 -5.43
C GLN A 4 -23.32 12.91 -4.95
N LYS A 5 -22.79 14.08 -4.50
CA LYS A 5 -21.37 14.28 -4.24
C LYS A 5 -21.07 14.75 -2.81
N ARG A 6 -22.00 14.62 -1.87
CA ARG A 6 -21.77 15.03 -0.49
C ARG A 6 -20.63 14.22 0.15
N ILE A 7 -19.74 14.89 0.89
CA ILE A 7 -18.66 14.23 1.61
C ILE A 7 -18.82 14.44 3.09
N THR A 8 -18.92 13.35 3.83
CA THR A 8 -18.84 13.38 5.29
C THR A 8 -17.65 12.53 5.73
N LEU A 9 -16.81 13.08 6.59
CA LEU A 9 -15.60 12.39 7.04
C LEU A 9 -15.65 12.12 8.53
N TYR A 10 -15.65 10.85 8.91
CA TYR A 10 -15.45 10.45 10.30
C TYR A 10 -13.96 10.50 10.59
N MET A 11 -13.58 11.22 11.63
CA MET A 11 -12.18 11.57 11.86
C MET A 11 -11.90 11.68 13.34
N ALA A 12 -10.65 11.98 13.67
CA ALA A 12 -10.20 12.22 15.03
C ALA A 12 -8.95 13.07 14.92
N SER A 13 -8.45 13.53 16.07
CA SER A 13 -7.32 14.46 16.07
C SER A 13 -5.96 13.81 16.35
N ALA A 14 -5.89 12.88 17.29
CA ALA A 14 -4.60 12.33 17.71
C ALA A 14 -3.87 11.54 16.62
N SER A 15 -4.61 10.78 15.80
CA SER A 15 -3.88 9.95 14.88
CA SER A 15 -4.05 9.89 14.80
C SER A 15 -3.57 10.67 13.56
N PRO A 16 -2.49 10.24 12.90
CA PRO A 16 -2.11 10.88 11.63
C PRO A 16 -3.05 10.57 10.49
N PHE A 17 -3.81 9.48 10.54
CA PHE A 17 -4.52 8.95 9.38
C PHE A 17 -5.67 9.86 8.91
N PRO A 18 -6.52 10.38 9.79
CA PRO A 18 -7.52 11.36 9.33
C PRO A 18 -6.92 12.67 8.86
N HIS A 19 -5.80 13.11 9.46
CA HIS A 19 -5.19 14.33 9.00
C HIS A 19 -4.80 14.24 7.54
N ARG A 20 -4.30 13.08 7.12
CA ARG A 20 -3.89 12.91 5.73
C ARG A 20 -5.04 13.30 4.82
N VAL A 21 -6.23 12.84 5.14
CA VAL A 21 -7.42 13.06 4.34
C VAL A 21 -7.84 14.52 4.34
N ARG A 22 -7.80 15.13 5.52
CA ARG A 22 -8.14 16.54 5.65
C ARG A 22 -7.21 17.40 4.77
N LEU A 23 -5.90 17.11 4.75
CA LEU A 23 -4.98 17.87 3.91
C LEU A 23 -5.41 17.82 2.46
N ALA A 24 -5.73 16.62 1.94
CA ALA A 24 -6.14 16.53 0.53
C ALA A 24 -7.47 17.21 0.26
N LEU A 25 -8.44 17.10 1.16
CA LEU A 25 -9.72 17.82 1.02
C LEU A 25 -9.50 19.32 0.91
N GLU A 26 -8.63 19.86 1.75
CA GLU A 26 -8.36 21.30 1.70
C GLU A 26 -7.57 21.69 0.46
N GLU A 27 -6.59 20.89 0.05
CA GLU A 27 -5.88 21.23 -1.18
C GLU A 27 -6.78 21.18 -2.40
N ALA A 28 -7.83 20.36 -2.37
CA ALA A 28 -8.83 20.31 -3.44
C ALA A 28 -9.91 21.37 -3.32
N HIS A 29 -9.92 22.13 -2.22
CA HIS A 29 -10.99 23.08 -1.91
C HIS A 29 -12.34 22.40 -1.93
N ALA A 30 -12.37 21.18 -1.39
CA ALA A 30 -13.60 20.43 -1.35
C ALA A 30 -14.52 20.96 -0.26
N THR A 31 -15.82 20.75 -0.48
CA THR A 31 -16.82 20.97 0.53
C THR A 31 -17.09 19.65 1.26
N TYR A 32 -17.05 19.70 2.59
CA TYR A 32 -17.18 18.51 3.42
C TYR A 32 -17.57 18.86 4.83
N GLU A 33 -18.12 17.87 5.53
CA GLU A 33 -18.43 17.91 6.93
C GLU A 33 -17.63 16.84 7.66
N MET A 34 -17.35 17.09 8.93
CA MET A 34 -16.59 16.17 9.77
C MET A 34 -17.42 15.75 10.98
N ILE A 35 -17.30 14.48 11.36
CA ILE A 35 -17.82 13.91 12.60
C ILE A 35 -16.64 13.37 13.42
N HIS A 36 -16.54 13.79 14.69
CA HIS A 36 -15.40 13.47 15.52
C HIS A 36 -15.67 12.22 16.33
N ILE A 37 -14.83 11.22 16.16
CA ILE A 37 -14.89 9.99 16.92
C ILE A 37 -13.75 10.06 17.93
N SER A 38 -14.07 9.89 19.21
CA SER A 38 -13.04 9.95 20.25
C SER A 38 -12.10 8.74 20.17
N LEU A 39 -10.80 9.00 20.27
CA LEU A 39 -9.81 7.95 20.36
C LEU A 39 -9.40 7.70 21.79
N VAL A 40 -10.07 8.31 22.75
CA VAL A 40 -9.88 7.99 24.16
C VAL A 40 -11.01 7.11 24.68
N ASP A 41 -12.26 7.56 24.49
CA ASP A 41 -13.47 6.82 24.88
C ASP A 41 -14.36 6.76 23.63
N LYS A 42 -14.11 5.78 22.77
CA LYS A 42 -14.78 5.73 21.47
C LYS A 42 -16.28 5.53 21.66
N GLN A 43 -17.08 6.34 20.98
CA GLN A 43 -18.53 6.23 21.05
C GLN A 43 -18.99 4.87 20.54
N ASP A 44 -19.81 4.16 21.32
CA ASP A 44 -20.22 2.84 20.91
C ASP A 44 -21.07 2.88 19.65
N TRP A 45 -21.75 3.99 19.37
CA TRP A 45 -22.58 4.05 18.17
C TRP A 45 -21.76 4.01 16.91
N TYR A 46 -20.46 4.32 16.97
CA TYR A 46 -19.65 4.27 15.75
C TYR A 46 -19.56 2.84 15.22
N GLN A 47 -19.14 1.90 16.05
CA GLN A 47 -19.10 0.50 15.61
C GLN A 47 -20.51 -0.01 15.31
N LYS A 48 -21.47 0.35 16.16
CA LYS A 48 -22.81 -0.24 16.03
C LYS A 48 -23.54 0.26 14.78
N LYS A 49 -23.50 1.55 14.50
CA LYS A 49 -24.31 2.13 13.44
C LYS A 49 -23.55 2.48 12.17
N VAL A 50 -22.23 2.75 12.24
CA VAL A 50 -21.50 3.38 11.13
C VAL A 50 -20.56 2.40 10.47
N TYR A 51 -19.66 1.80 11.25
CA TYR A 51 -18.53 1.04 10.71
C TYR A 51 -18.32 -0.22 11.55
N PRO A 52 -19.21 -1.21 11.40
CA PRO A 52 -19.14 -2.36 12.30
C PRO A 52 -17.89 -3.22 12.14
N ASP A 53 -17.29 -3.28 10.95
CA ASP A 53 -16.22 -4.27 10.75
C ASP A 53 -14.95 -3.91 11.49
N ARG A 54 -14.59 -2.63 11.52
CA ARG A 54 -13.31 -2.23 12.10
C ARG A 54 -13.41 -1.04 13.03
N ALA A 55 -14.41 -0.19 12.81
CA ALA A 55 -14.63 0.96 13.70
C ALA A 55 -13.39 1.83 13.81
N GLN A 56 -12.74 2.06 12.67
CA GLN A 56 -11.54 2.89 12.60
C GLN A 56 -11.86 4.18 11.86
N VAL A 57 -11.06 5.20 12.14
CA VAL A 57 -11.03 6.42 11.35
C VAL A 57 -9.71 6.56 10.62
N PRO A 58 -9.67 7.23 9.45
CA PRO A 58 -10.77 7.93 8.78
C PRO A 58 -11.77 6.97 8.09
N TYR A 59 -12.97 7.48 7.87
CA TYR A 59 -13.99 6.75 7.09
C TYR A 59 -14.77 7.82 6.35
N LEU A 60 -14.75 7.75 5.02
CA LEU A 60 -15.37 8.78 4.21
C LEU A 60 -16.69 8.27 3.65
N ILE A 61 -17.74 9.08 3.78
CA ILE A 61 -19.08 8.76 3.28
C ILE A 61 -19.32 9.67 2.08
N TYR A 62 -19.63 9.08 0.91
CA TYR A 62 -19.73 9.84 -0.33
C TYR A 62 -21.14 9.66 -0.88
N GLY A 63 -21.84 10.78 -1.03
CA GLY A 63 -23.22 10.74 -1.49
C GLY A 63 -24.24 10.59 -0.37
N GLY A 64 -25.47 11.00 -0.69
CA GLY A 64 -26.58 10.79 0.19
C GLY A 64 -26.91 12.04 0.97
N PRO A 65 -27.79 11.92 1.92
CA PRO A 65 -28.27 13.07 2.67
C PRO A 65 -27.29 13.46 3.78
N GLU A 66 -27.62 14.57 4.42
CA GLU A 66 -26.81 15.07 5.51
C GLU A 66 -26.72 14.03 6.61
N LEU A 67 -25.52 13.88 7.17
CA LEU A 67 -25.29 12.84 8.16
C LEU A 67 -24.78 13.47 9.45
N HIS A 68 -25.37 13.06 10.57
CA HIS A 68 -25.00 13.55 11.91
C HIS A 68 -24.46 12.45 12.82
N PRO A 69 -23.85 12.78 13.95
CA PRO A 69 -23.43 11.74 14.89
C PRO A 69 -24.58 10.85 15.31
N ASP A 70 -24.25 9.62 15.65
CA ASP A 70 -25.19 8.68 16.24
C ASP A 70 -26.33 8.36 15.26
N GLU A 71 -25.94 8.25 13.98
CA GLU A 71 -26.83 7.91 12.87
C GLU A 71 -26.13 6.95 11.91
N ALA A 72 -26.89 6.04 11.33
CA ALA A 72 -26.32 5.17 10.29
C ALA A 72 -26.27 5.89 8.95
N PRO A 73 -25.18 5.74 8.19
CA PRO A 73 -25.19 6.24 6.80
C PRO A 73 -26.23 5.50 5.97
N SER A 74 -26.69 6.20 4.93
CA SER A 74 -27.65 5.62 4.01
C SER A 74 -27.03 4.39 3.35
N PRO A 75 -27.81 3.33 3.07
CA PRO A 75 -27.29 2.21 2.28
C PRO A 75 -26.83 2.60 0.90
N ASP A 76 -27.30 3.71 0.38
CA ASP A 76 -26.95 4.16 -0.96
C ASP A 76 -25.71 5.04 -1.01
N ALA A 77 -25.13 5.39 0.14
CA ALA A 77 -23.89 6.17 0.11
C ALA A 77 -22.70 5.23 0.02
N ALA A 78 -21.64 5.68 -0.61
CA ALA A 78 -20.42 4.90 -0.64
C ALA A 78 -19.64 5.13 0.64
N LYS A 79 -19.03 4.07 1.17
CA LYS A 79 -18.25 4.14 2.40
C LYS A 79 -16.82 3.70 2.07
N ILE A 80 -15.86 4.59 2.34
CA ILE A 80 -14.48 4.37 1.91
C ILE A 80 -13.54 4.51 3.11
N PRO A 81 -13.00 3.41 3.63
CA PRO A 81 -11.93 3.47 4.63
C PRO A 81 -10.56 3.54 4.01
N GLU A 82 -9.51 3.58 4.85
CA GLU A 82 -8.09 3.44 4.48
C GLU A 82 -7.57 4.74 3.92
N SER A 83 -6.85 5.50 4.74
CA SER A 83 -6.43 6.83 4.35
C SER A 83 -5.77 6.90 3.00
N LEU A 84 -4.85 5.97 2.68
CA LEU A 84 -4.14 6.07 1.40
C LEU A 84 -5.06 5.86 0.23
N VAL A 85 -6.07 4.99 0.39
CA VAL A 85 -7.08 4.81 -0.66
C VAL A 85 -7.95 6.05 -0.80
N ILE A 86 -8.31 6.66 0.32
CA ILE A 86 -9.09 7.89 0.28
C ILE A 86 -8.33 8.98 -0.46
N LEU A 87 -7.02 9.10 -0.22
CA LEU A 87 -6.24 10.11 -0.94
C LEU A 87 -6.31 9.88 -2.43
N GLU A 88 -6.17 8.64 -2.87
CA GLU A 88 -6.28 8.34 -4.29
C GLU A 88 -7.70 8.60 -4.80
N PHE A 89 -8.71 8.36 -3.98
CA PHE A 89 -10.09 8.64 -4.34
C PHE A 89 -10.30 10.13 -4.57
N LEU A 90 -9.81 10.96 -3.65
CA LEU A 90 -9.95 12.41 -3.83
C LEU A 90 -9.19 12.90 -5.05
N ALA A 91 -8.01 12.34 -5.34
CA ALA A 91 -7.31 12.76 -6.57
C ALA A 91 -8.11 12.41 -7.81
N ASP A 92 -8.83 11.29 -7.81
CA ASP A 92 -9.74 10.93 -8.91
C ASP A 92 -10.98 11.84 -8.96
N LEU A 93 -11.51 12.24 -7.80
CA LEU A 93 -12.71 13.09 -7.79
C LEU A 93 -12.42 14.52 -8.23
N PHE A 94 -11.23 15.02 -7.97
CA PHE A 94 -10.88 16.43 -8.20
C PHE A 94 -9.67 16.55 -9.12
N PRO A 95 -9.80 16.12 -10.38
CA PRO A 95 -8.65 16.18 -11.32
C PRO A 95 -8.08 17.58 -11.50
N ALA A 96 -8.93 18.60 -11.43
CA ALA A 96 -8.46 19.97 -11.64
C ALA A 96 -7.55 20.45 -10.52
N ALA A 97 -7.60 19.84 -9.33
CA ALA A 97 -6.72 20.22 -8.24
C ALA A 97 -5.34 19.61 -8.35
N HIS A 98 -5.13 18.65 -9.25
CA HIS A 98 -3.80 18.09 -9.45
C HIS A 98 -3.22 17.57 -8.15
N LEU A 99 -4.00 16.75 -7.47
CA LEU A 99 -3.50 16.17 -6.24
C LEU A 99 -2.43 15.11 -6.51
N LEU A 100 -2.37 14.58 -7.73
CA LEU A 100 -1.22 13.88 -8.26
C LEU A 100 -0.80 14.60 -9.54
N PRO A 101 0.45 14.45 -9.96
CA PRO A 101 0.89 15.00 -11.25
C PRO A 101 0.22 14.29 -12.41
N SER A 102 0.31 14.89 -13.61
CA SER A 102 -0.33 14.29 -14.78
C SER A 102 0.53 13.21 -15.45
N ASP A 103 1.83 13.35 -15.42
CA ASP A 103 2.70 12.40 -16.14
C ASP A 103 2.76 11.04 -15.41
N PRO A 104 2.59 9.91 -16.13
CA PRO A 104 2.68 8.60 -15.46
C PRO A 104 3.93 8.37 -14.64
N VAL A 105 5.12 8.75 -15.11
CA VAL A 105 6.34 8.51 -14.36
C VAL A 105 6.34 9.30 -13.06
N LEU A 106 5.88 10.54 -13.12
CA LEU A 106 5.85 11.38 -11.92
C LEU A 106 4.80 10.88 -10.93
N ARG A 107 3.66 10.37 -11.44
CA ARG A 107 2.69 9.73 -10.55
C ARG A 107 3.32 8.52 -9.87
N ALA A 108 4.14 7.74 -10.58
CA ALA A 108 4.82 6.62 -9.92
C ALA A 108 5.79 7.10 -8.85
N ARG A 109 6.52 8.20 -9.11
CA ARG A 109 7.40 8.78 -8.09
C ARG A 109 6.63 9.09 -6.81
N ALA A 110 5.45 9.71 -6.94
CA ALA A 110 4.67 10.02 -5.75
C ALA A 110 4.23 8.74 -5.03
N ARG A 111 3.82 7.72 -5.80
CA ARG A 111 3.39 6.48 -5.21
C ARG A 111 4.53 5.71 -4.56
N LEU A 112 5.76 5.77 -5.11
CA LEU A 112 6.91 5.14 -4.46
C LEU A 112 7.23 5.83 -3.12
N PHE A 113 7.10 7.15 -3.09
CA PHE A 113 7.31 7.86 -1.84
C PHE A 113 6.31 7.41 -0.77
N THR A 114 5.03 7.32 -1.15
CA THR A 114 4.01 6.89 -0.22
C THR A 114 4.24 5.46 0.23
N THR A 115 4.62 4.54 -0.69
CA THR A 115 4.86 3.16 -0.25
CA THR A 115 4.83 3.17 -0.23
C THR A 115 5.94 3.11 0.81
N ALA A 116 6.98 3.90 0.66
CA ALA A 116 8.05 3.91 1.66
C ALA A 116 7.61 4.51 2.99
N VAL A 117 6.70 5.47 2.95
CA VAL A 117 6.11 5.97 4.21
C VAL A 117 5.41 4.84 4.95
N GLU A 118 4.56 4.08 4.24
CA GLU A 118 3.70 3.12 4.88
C GLU A 118 4.45 1.87 5.30
N THR A 119 5.48 1.45 4.55
CA THR A 119 6.17 0.19 4.80
C THR A 119 7.50 0.32 5.51
N GLU A 120 8.09 1.53 5.58
CA GLU A 120 9.37 1.75 6.22
C GLU A 120 9.25 2.76 7.37
N LEU A 121 8.73 3.96 7.12
CA LEU A 121 8.66 4.97 8.17
C LEU A 121 7.68 4.61 9.28
N LEU A 122 6.42 4.21 8.92
CA LEU A 122 5.45 3.90 9.98
C LEU A 122 5.90 2.73 10.83
N PRO A 123 6.39 1.61 10.28
CA PRO A 123 6.91 0.56 11.17
C PRO A 123 8.03 1.02 12.08
N ALA A 124 8.92 1.89 11.59
CA ALA A 124 9.97 2.42 12.46
C ALA A 124 9.39 3.26 13.59
N GLN A 125 8.43 4.14 13.29
CA GLN A 125 7.80 4.90 14.34
C GLN A 125 7.17 4.01 15.40
N LYS A 126 6.48 2.93 14.97
CA LYS A 126 5.85 2.03 15.94
C LYS A 126 6.90 1.38 16.83
N ALA A 127 7.99 0.90 16.24
CA ALA A 127 9.05 0.27 17.03
C ALA A 127 9.60 1.24 18.06
N PHE A 128 9.70 2.52 17.69
CA PHE A 128 10.32 3.52 18.55
C PHE A 128 9.35 4.02 19.64
N PHE A 129 8.14 4.41 19.24
CA PHE A 129 7.20 5.07 20.13
C PHE A 129 6.37 4.08 20.93
N LEU A 130 6.02 2.94 20.34
CA LEU A 130 5.16 1.99 21.05
C LEU A 130 5.96 0.89 21.74
N MET A 131 7.10 0.47 21.18
CA MET A 131 7.80 -0.71 21.69
C MET A 131 9.13 -0.37 22.34
N GLY A 132 9.43 0.91 22.52
CA GLY A 132 10.62 1.27 23.25
C GLY A 132 11.93 0.93 22.57
N GLY A 133 11.98 1.03 21.24
CA GLY A 133 13.17 0.69 20.49
C GLY A 133 14.21 1.79 20.54
N PRO A 134 15.43 1.45 20.09
CA PRO A 134 16.52 2.38 20.24
C PRO A 134 16.41 3.53 19.26
N PRO A 135 16.95 4.70 19.59
CA PRO A 135 16.80 5.88 18.71
C PRO A 135 17.54 5.77 17.39
N ASP A 136 18.64 4.99 17.31
CA ASP A 136 19.33 4.97 16.03
C ASP A 136 18.49 4.33 14.94
N ALA A 137 17.62 3.38 15.27
CA ALA A 137 16.76 2.79 14.25
C ALA A 137 15.74 3.80 13.74
N MET A 138 15.21 4.63 14.63
CA MET A 138 14.31 5.68 14.16
C MET A 138 15.05 6.66 13.27
N LEU A 139 16.26 7.04 13.67
CA LEU A 139 17.02 7.97 12.85
C LEU A 139 17.35 7.38 11.49
N ALA A 140 17.61 6.08 11.42
CA ALA A 140 17.86 5.47 10.12
C ALA A 140 16.68 5.65 9.18
N ALA A 141 15.47 5.50 9.70
CA ALA A 141 14.28 5.66 8.86
C ALA A 141 14.07 7.11 8.46
N LEU A 142 14.45 8.05 9.34
CA LEU A 142 14.33 9.46 8.99
C LEU A 142 15.41 9.86 7.99
N ASP A 143 16.64 9.35 8.18
CA ASP A 143 17.67 9.56 7.14
C ASP A 143 17.21 9.07 5.78
N ALA A 144 16.59 7.88 5.73
CA ALA A 144 16.15 7.35 4.44
C ALA A 144 15.03 8.20 3.83
N LEU A 145 14.07 8.62 4.65
CA LEU A 145 13.03 9.53 4.18
C LEU A 145 13.64 10.82 3.63
N GLN A 146 14.56 11.41 4.37
CA GLN A 146 15.15 12.68 3.94
C GLN A 146 15.85 12.52 2.60
N ALA A 147 16.53 11.38 2.40
CA ALA A 147 17.22 11.14 1.13
C ALA A 147 16.30 10.92 -0.05
N ARG A 148 15.01 10.64 0.19
CA ARG A 148 14.05 10.49 -0.89
C ARG A 148 13.48 11.83 -1.35
N LEU A 149 13.74 12.92 -0.61
CA LEU A 149 13.28 14.26 -1.01
C LEU A 149 14.18 14.86 -2.08
N PRO A 150 13.64 15.58 -3.06
CA PRO A 150 14.53 16.35 -3.98
C PRO A 150 15.45 17.26 -3.20
N PRO A 151 16.77 17.18 -3.39
CA PRO A 151 17.69 17.91 -2.50
C PRO A 151 17.57 19.43 -2.57
N ALA A 152 17.25 19.99 -3.73
CA ALA A 152 17.30 21.43 -3.90
C ALA A 152 16.08 22.14 -3.33
N GLY A 153 15.01 21.41 -3.01
CA GLY A 153 13.83 22.00 -2.45
C GLY A 153 12.59 21.34 -3.02
N GLY A 154 11.42 21.91 -2.71
CA GLY A 154 10.18 21.37 -3.23
C GLY A 154 9.63 20.25 -2.38
N PHE A 155 8.64 19.58 -2.96
CA PHE A 155 7.83 18.60 -2.24
C PHE A 155 8.29 17.18 -2.59
N ALA A 156 7.54 16.20 -2.08
CA ALA A 156 8.00 14.82 -2.10
C ALA A 156 8.18 14.28 -3.51
N ALA A 157 7.30 14.63 -4.44
CA ALA A 157 7.32 14.08 -5.78
C ALA A 157 7.83 15.06 -6.80
N GLY A 158 8.32 16.23 -6.36
CA GLY A 158 8.75 17.27 -7.26
C GLY A 158 8.31 18.64 -6.78
N PRO A 159 8.33 19.63 -7.69
CA PRO A 159 8.06 21.01 -7.29
C PRO A 159 6.66 21.25 -6.75
N GLN A 160 5.68 20.43 -7.15
CA GLN A 160 4.31 20.61 -6.74
C GLN A 160 3.95 19.67 -5.59
N TRP A 161 3.13 20.20 -4.67
CA TRP A 161 2.51 19.39 -3.62
C TRP A 161 1.67 18.27 -4.25
N SER A 162 1.63 17.13 -3.56
CA SER A 162 0.81 16.00 -3.98
C SER A 162 0.36 15.23 -2.77
N ILE A 163 -0.47 14.21 -3.02
CA ILE A 163 -0.90 13.34 -1.94
C ILE A 163 0.25 12.59 -1.27
N ALA A 164 1.44 12.50 -1.88
CA ALA A 164 2.59 11.96 -1.16
C ALA A 164 2.94 12.82 0.04
N ASP A 165 2.77 14.15 -0.07
CA ASP A 165 3.03 15.04 1.06
C ASP A 165 1.97 14.86 2.11
N ALA A 166 0.69 14.72 1.69
CA ALA A 166 -0.37 14.46 2.64
C ALA A 166 -0.11 13.17 3.41
N ALA A 167 0.49 12.15 2.76
CA ALA A 167 0.71 10.89 3.46
C ALA A 167 1.69 11.03 4.63
N VAL A 168 2.74 11.83 4.47
CA VAL A 168 3.86 11.86 5.41
C VAL A 168 3.76 12.99 6.44
N MET A 169 3.20 14.13 6.07
CA MET A 169 3.30 15.28 6.96
C MET A 169 2.60 15.07 8.29
N PRO A 170 1.44 14.39 8.35
CA PRO A 170 0.83 14.13 9.67
C PRO A 170 1.70 13.29 10.57
N ILE A 171 2.50 12.40 10.02
CA ILE A 171 3.38 11.55 10.81
C ILE A 171 4.53 12.39 11.38
N LEU A 172 5.13 13.23 10.52
CA LEU A 172 6.27 14.01 10.94
C LEU A 172 5.90 14.97 12.05
N LEU A 173 4.75 15.63 11.93
CA LEU A 173 4.30 16.57 12.97
C LEU A 173 4.07 15.87 14.29
N ARG A 174 3.43 14.71 14.25
CA ARG A 174 3.18 13.99 15.49
C ARG A 174 4.45 13.39 16.09
N LEU A 175 5.38 12.92 15.24
CA LEU A 175 6.65 12.42 15.74
C LEU A 175 7.38 13.52 16.49
N ARG A 176 7.50 14.68 15.87
CA ARG A 176 8.18 15.82 16.51
C ARG A 176 7.51 16.16 17.85
N MET A 177 6.18 16.24 17.86
CA MET A 177 5.48 16.56 19.09
CA MET A 177 5.49 16.56 19.09
C MET A 177 5.76 15.51 20.17
N SER A 178 5.70 14.23 19.81
CA SER A 178 5.87 13.16 20.79
C SER A 178 7.26 13.20 21.40
N VAL A 179 8.30 13.45 20.60
CA VAL A 179 9.64 13.43 21.17
C VAL A 179 9.93 14.70 21.91
N THR A 180 9.25 15.80 21.57
CA THR A 180 9.47 17.08 22.24
C THR A 180 8.78 17.09 23.60
N LEU A 181 7.60 16.50 23.71
CA LEU A 181 6.90 16.39 24.99
C LEU A 181 7.27 15.12 25.73
N GLU A 182 8.01 14.22 25.08
CA GLU A 182 8.33 12.93 25.66
C GLU A 182 7.10 12.14 26.09
N VAL A 183 6.10 12.12 25.20
CA VAL A 183 4.85 11.41 25.43
C VAL A 183 4.87 10.19 24.52
N GLY A 184 5.08 9.02 25.11
CA GLY A 184 5.26 7.80 24.36
C GLY A 184 5.93 6.75 25.22
N PHE A 185 5.97 5.52 24.68
CA PHE A 185 6.58 4.40 25.40
C PHE A 185 8.05 4.26 25.03
N PHE A 186 8.79 5.33 25.23
CA PHE A 186 10.18 5.43 24.79
C PHE A 186 11.12 4.74 25.76
N ALA A 187 12.19 4.17 25.21
CA ALA A 187 13.29 3.71 26.03
C ALA A 187 13.92 4.88 26.78
N PRO A 188 14.49 4.64 27.97
CA PRO A 188 15.32 5.68 28.62
C PRO A 188 16.31 6.35 27.69
N GLY A 189 16.26 7.69 27.60
CA GLY A 189 17.16 8.46 26.77
C GLY A 189 16.81 8.57 25.31
N ALA A 190 15.80 7.85 24.82
CA ALA A 190 15.62 7.73 23.38
C ALA A 190 14.96 8.95 22.78
N ALA A 191 13.97 9.52 23.46
CA ALA A 191 13.27 10.68 22.91
C ALA A 191 14.22 11.86 22.73
N PRO A 192 15.08 12.21 23.71
CA PRO A 192 15.95 13.36 23.52
C PRO A 192 16.93 13.18 22.36
N VAL A 193 17.33 11.96 22.07
CA VAL A 193 18.25 11.74 20.96
C VAL A 193 17.58 12.12 19.65
N VAL A 194 16.35 11.65 19.46
CA VAL A 194 15.66 11.97 18.23
C VAL A 194 15.27 13.44 18.18
N ARG A 195 14.77 14.01 19.28
CA ARG A 195 14.45 15.43 19.32
C ARG A 195 15.64 16.27 18.91
N ALA A 196 16.82 15.99 19.48
CA ALA A 196 17.98 16.80 19.15
C ALA A 196 18.39 16.63 17.69
N ALA A 197 18.32 15.42 17.17
CA ALA A 197 18.70 15.20 15.78
C ALA A 197 17.77 15.95 14.84
N LEU A 198 16.46 15.93 15.12
CA LEU A 198 15.51 16.61 14.24
C LEU A 198 15.78 18.10 14.15
N GLU A 199 16.35 18.69 15.19
CA GLU A 199 16.68 20.11 15.25
C GLU A 199 18.10 20.42 14.76
N SER A 200 18.85 19.42 14.37
CA SER A 200 20.28 19.59 14.05
C SER A 200 20.52 19.77 12.55
N PRO A 201 21.72 20.20 12.14
CA PRO A 201 21.97 20.38 10.70
C PRO A 201 21.85 19.10 9.89
N ARG A 202 22.05 17.92 10.49
CA ARG A 202 21.85 16.66 9.79
C ARG A 202 20.49 16.63 9.09
N PHE A 203 19.47 17.21 9.73
CA PHE A 203 18.11 17.14 9.22
C PHE A 203 17.61 18.49 8.68
N ALA A 204 18.51 19.32 8.19
CA ALA A 204 18.09 20.60 7.63
C ALA A 204 17.11 20.43 6.47
N ARG A 205 17.35 19.47 5.58
CA ARG A 205 16.48 19.28 4.43
C ARG A 205 15.06 18.91 4.88
N LEU A 206 14.96 18.04 5.88
CA LEU A 206 13.65 17.62 6.37
C LEU A 206 12.98 18.77 7.10
N GLN A 207 13.75 19.60 7.81
CA GLN A 207 13.18 20.78 8.46
C GLN A 207 12.60 21.74 7.44
N ARG A 208 13.31 21.96 6.34
CA ARG A 208 12.81 22.85 5.30
C ARG A 208 11.52 22.27 4.70
N TYR A 209 11.53 20.96 4.42
CA TYR A 209 10.32 20.27 3.96
C TYR A 209 9.13 20.52 4.88
N ILE A 210 9.31 20.27 6.17
CA ILE A 210 8.23 20.49 7.13
C ILE A 210 7.78 21.95 7.05
N ALA A 211 8.73 22.90 7.03
CA ALA A 211 8.35 24.30 6.99
C ALA A 211 7.60 24.68 5.73
N ASP A 212 7.99 24.13 4.56
CA ASP A 212 7.32 24.45 3.31
C ASP A 212 5.88 23.90 3.30
N ASN A 213 5.64 22.76 3.95
CA ASN A 213 4.28 22.23 4.04
C ASN A 213 3.43 23.01 5.05
N VAL A 214 4.00 23.35 6.19
CA VAL A 214 3.28 24.11 7.20
C VAL A 214 2.87 25.49 6.69
N ALA A 215 3.62 26.05 5.76
CA ALA A 215 3.32 27.39 5.26
C ALA A 215 2.13 27.39 4.32
N ARG A 216 1.73 26.25 3.79
CA ARG A 216 0.58 26.22 2.89
C ARG A 216 -0.72 26.37 3.69
N PRO A 217 -1.72 27.06 3.12
CA PRO A 217 -3.00 27.25 3.83
C PRO A 217 -3.65 25.97 4.31
N SER A 218 -3.46 24.87 3.58
CA SER A 218 -4.05 23.61 4.02
C SER A 218 -3.58 23.19 5.41
N MET A 219 -2.38 23.59 5.86
CA MET A 219 -1.96 23.18 7.20
C MET A 219 -2.79 23.87 8.29
N ALA A 220 -2.93 25.21 8.25
CA ALA A 220 -3.72 25.88 9.27
C ALA A 220 -5.18 25.41 9.25
N ALA A 221 -5.68 25.00 8.11
CA ALA A 221 -7.05 24.54 8.00
C ALA A 221 -7.25 23.11 8.49
N THR A 222 -6.16 22.40 8.82
CA THR A 222 -6.27 21.01 9.24
C THR A 222 -5.55 20.64 10.53
N TRP A 223 -4.60 21.43 11.02
CA TRP A 223 -3.73 21.09 12.15
C TRP A 223 -4.01 22.08 13.28
N ASP A 224 -4.74 21.59 14.29
CA ASP A 224 -5.05 22.34 15.54
C ASP A 224 -4.18 21.65 16.59
N GLU A 225 -2.99 22.20 16.83
CA GLU A 225 -2.06 21.43 17.63
C GLU A 225 -2.56 21.25 19.06
N ALA A 226 -3.29 22.22 19.61
CA ALA A 226 -3.79 22.00 20.97
C ALA A 226 -4.81 20.88 21.05
N ALA A 227 -5.65 20.74 20.04
CA ALA A 227 -6.62 19.65 20.07
C ALA A 227 -5.94 18.30 19.79
N VAL A 228 -4.98 18.29 18.88
CA VAL A 228 -4.19 17.07 18.62
C VAL A 228 -3.49 16.62 19.90
N LYS A 229 -2.76 17.56 20.52
CA LYS A 229 -2.03 17.23 21.73
C LYS A 229 -2.96 16.73 22.84
N ALA A 230 -4.13 17.38 23.05
CA ALA A 230 -4.98 16.94 24.14
C ALA A 230 -5.42 15.51 23.93
N GLU A 231 -5.79 15.14 22.70
CA GLU A 231 -6.25 13.78 22.47
C GLU A 231 -5.08 12.79 22.47
N PHE A 232 -3.95 13.20 21.92
CA PHE A 232 -2.76 12.34 21.90
C PHE A 232 -2.32 12.02 23.32
N VAL A 233 -2.22 13.04 24.18
CA VAL A 233 -1.83 12.81 25.57
C VAL A 233 -2.88 12.01 26.29
N GLY A 234 -4.15 12.34 26.09
CA GLY A 234 -5.21 11.57 26.71
C GLY A 234 -5.18 10.10 26.34
N ARG A 235 -5.00 9.82 25.07
CA ARG A 235 -4.94 8.43 24.64
C ARG A 235 -3.71 7.73 25.20
N PHE A 236 -2.55 8.37 25.14
CA PHE A 236 -1.35 7.76 25.71
C PHE A 236 -1.52 7.43 27.18
N GLU A 237 -2.01 8.39 27.97
CA GLU A 237 -2.18 8.17 29.40
C GLU A 237 -3.18 7.07 29.67
N LYS A 238 -4.25 6.97 28.87
CA LYS A 238 -5.18 5.86 29.05
C LYS A 238 -4.51 4.53 28.72
N LEU A 239 -3.86 4.45 27.57
CA LEU A 239 -3.20 3.20 27.22
C LEU A 239 -2.21 2.77 28.28
N ARG A 240 -1.41 3.70 28.77
CA ARG A 240 -0.39 3.37 29.77
C ARG A 240 -1.04 2.82 31.02
N SER A 241 -2.22 3.35 31.38
CA SER A 241 -2.83 2.94 32.64
C SER A 241 -3.45 1.54 32.56
N LEU A 242 -3.66 1.00 31.35
CA LEU A 242 -4.20 -0.33 31.12
C LEU A 242 -3.10 -1.36 30.88
N LYS A 243 -1.85 -0.89 30.96
CA LYS A 243 -0.55 -1.52 30.87
C LYS A 243 -0.20 -1.99 29.47
N SER B 2 3.62 9.11 -30.35
CA SER B 2 2.36 8.46 -29.98
C SER B 2 2.50 6.93 -29.84
N ALA B 3 3.42 6.30 -30.57
CA ALA B 3 3.62 4.86 -30.38
C ALA B 3 4.23 4.59 -29.01
N GLN B 4 3.92 3.42 -28.46
CA GLN B 4 4.40 3.08 -27.13
C GLN B 4 5.93 3.12 -27.05
N LYS B 5 6.47 3.71 -25.98
CA LYS B 5 7.90 3.62 -25.70
C LYS B 5 8.28 2.22 -25.21
N ARG B 6 9.58 1.96 -25.16
CA ARG B 6 10.08 0.63 -24.88
C ARG B 6 9.81 0.23 -23.43
N ILE B 7 9.38 -1.02 -23.24
CA ILE B 7 9.24 -1.63 -21.91
C ILE B 7 10.10 -2.88 -21.83
N THR B 8 10.97 -2.94 -20.82
CA THR B 8 11.71 -4.14 -20.46
C THR B 8 11.41 -4.45 -19.00
N LEU B 9 11.08 -5.71 -18.69
CA LEU B 9 10.74 -6.13 -17.35
C LEU B 9 11.78 -7.15 -16.87
N TYR B 10 12.46 -6.83 -15.77
CA TYR B 10 13.28 -7.80 -15.07
C TYR B 10 12.37 -8.61 -14.16
N MET B 11 12.49 -9.94 -14.23
CA MET B 11 11.51 -10.80 -13.59
C MET B 11 12.17 -12.11 -13.16
N ALA B 12 11.34 -12.97 -12.59
CA ALA B 12 11.66 -14.35 -12.22
C ALA B 12 10.32 -15.06 -12.09
N SER B 13 10.34 -16.39 -11.89
CA SER B 13 9.10 -17.16 -11.96
C SER B 13 8.50 -17.60 -10.63
N ALA B 14 9.32 -17.89 -9.62
CA ALA B 14 8.79 -18.45 -8.38
C ALA B 14 7.90 -17.45 -7.62
N SER B 15 8.36 -16.21 -7.54
CA SER B 15 7.68 -15.17 -6.77
C SER B 15 6.34 -14.81 -7.43
N PRO B 16 5.32 -14.45 -6.63
CA PRO B 16 4.10 -13.90 -7.24
C PRO B 16 4.31 -12.51 -7.87
N PHE B 17 5.34 -11.73 -7.46
CA PHE B 17 5.33 -10.30 -7.72
C PHE B 17 5.57 -9.96 -9.20
N PRO B 18 6.52 -10.59 -9.89
CA PRO B 18 6.65 -10.31 -11.32
C PRO B 18 5.45 -10.77 -12.13
N HIS B 19 4.81 -11.87 -11.71
CA HIS B 19 3.64 -12.36 -12.42
C HIS B 19 2.53 -11.31 -12.44
N ARG B 20 2.37 -10.58 -11.33
CA ARG B 20 1.40 -9.51 -11.30
C ARG B 20 1.59 -8.56 -12.46
N VAL B 21 2.82 -8.16 -12.70
CA VAL B 21 3.14 -7.18 -13.74
C VAL B 21 2.87 -7.76 -15.12
N ARG B 22 3.29 -9.02 -15.33
CA ARG B 22 3.06 -9.70 -16.62
C ARG B 22 1.57 -9.76 -16.95
N LEU B 23 0.72 -10.09 -15.96
CA LEU B 23 -0.73 -10.10 -16.20
C LEU B 23 -1.21 -8.75 -16.73
N ALA B 24 -0.78 -7.66 -16.08
CA ALA B 24 -1.21 -6.33 -16.47
C ALA B 24 -0.67 -5.95 -17.84
N LEU B 25 0.58 -6.31 -18.15
CA LEU B 25 1.12 -6.04 -19.48
C LEU B 25 0.33 -6.75 -20.58
N GLU B 26 -0.05 -8.01 -20.34
CA GLU B 26 -0.82 -8.73 -21.33
C GLU B 26 -2.23 -8.16 -21.47
N GLU B 27 -2.84 -7.76 -20.36
CA GLU B 27 -4.19 -7.19 -20.45
C GLU B 27 -4.21 -5.86 -21.21
N ALA B 28 -3.10 -5.11 -21.13
CA ALA B 28 -2.90 -3.85 -21.86
C ALA B 28 -2.51 -4.08 -23.30
N HIS B 29 -2.20 -5.32 -23.67
CA HIS B 29 -1.60 -5.66 -24.97
C HIS B 29 -0.37 -4.83 -25.24
N ALA B 30 0.46 -4.67 -24.21
CA ALA B 30 1.72 -3.96 -24.30
C ALA B 30 2.72 -4.80 -25.09
N THR B 31 3.64 -4.10 -25.72
CA THR B 31 4.83 -4.70 -26.31
C THR B 31 5.94 -4.57 -25.27
N TYR B 32 6.59 -5.69 -24.97
CA TYR B 32 7.59 -5.71 -23.91
C TYR B 32 8.52 -6.90 -24.10
N GLU B 33 9.72 -6.77 -23.53
CA GLU B 33 10.69 -7.84 -23.43
C GLU B 33 10.94 -8.14 -21.96
N MET B 34 11.36 -9.36 -21.68
CA MET B 34 11.66 -9.79 -20.32
C MET B 34 13.10 -10.26 -20.19
N ILE B 35 13.68 -9.99 -19.02
CA ILE B 35 14.98 -10.49 -18.64
C ILE B 35 14.85 -11.22 -17.30
N HIS B 36 15.19 -12.52 -17.28
CA HIS B 36 15.16 -13.32 -16.07
CA HIS B 36 15.16 -13.31 -16.06
C HIS B 36 16.37 -13.01 -15.21
N ILE B 37 16.12 -12.80 -13.91
CA ILE B 37 17.15 -12.51 -12.92
C ILE B 37 17.21 -13.63 -11.91
N SER B 38 18.41 -14.22 -11.78
CA SER B 38 18.70 -15.22 -10.76
C SER B 38 19.67 -14.63 -9.74
N LEU B 39 19.93 -15.36 -8.65
CA LEU B 39 20.84 -14.83 -7.65
C LEU B 39 22.21 -14.51 -8.24
N VAL B 40 22.75 -15.38 -9.10
CA VAL B 40 24.05 -15.09 -9.73
C VAL B 40 24.01 -13.75 -10.48
N ASP B 41 22.91 -13.46 -11.17
CA ASP B 41 22.80 -12.17 -11.86
C ASP B 41 22.83 -11.02 -10.86
N LYS B 42 22.12 -11.17 -9.74
CA LYS B 42 22.14 -10.16 -8.69
C LYS B 42 23.56 -9.91 -8.25
N GLN B 43 24.29 -10.99 -7.93
CA GLN B 43 25.64 -10.85 -7.39
C GLN B 43 26.63 -10.34 -8.44
N ASP B 44 26.43 -10.69 -9.73
CA ASP B 44 27.48 -10.43 -10.73
C ASP B 44 27.30 -9.12 -11.48
N TRP B 45 26.06 -8.68 -11.75
CA TRP B 45 25.87 -7.51 -12.60
C TRP B 45 24.56 -6.75 -12.37
N TYR B 46 23.51 -7.42 -11.87
CA TYR B 46 22.20 -6.76 -11.79
C TYR B 46 22.18 -5.70 -10.69
N GLN B 47 22.72 -6.03 -9.51
CA GLN B 47 22.88 -5.01 -8.49
C GLN B 47 23.81 -3.88 -8.95
N LYS B 48 24.88 -4.22 -9.66
CA LYS B 48 25.90 -3.23 -10.02
C LYS B 48 25.44 -2.30 -11.11
N LYS B 49 24.86 -2.84 -12.18
CA LYS B 49 24.56 -2.04 -13.36
C LYS B 49 23.10 -1.63 -13.48
N VAL B 50 22.17 -2.29 -12.78
CA VAL B 50 20.75 -2.09 -13.05
C VAL B 50 20.01 -1.50 -11.83
N TYR B 51 20.14 -2.13 -10.67
CA TYR B 51 19.30 -1.81 -9.51
C TYR B 51 20.14 -1.84 -8.24
N PRO B 52 20.97 -0.80 -8.03
CA PRO B 52 21.94 -0.86 -6.91
C PRO B 52 21.30 -0.85 -5.52
N ASP B 53 20.22 -0.10 -5.33
CA ASP B 53 19.66 0.06 -3.98
C ASP B 53 19.15 -1.26 -3.42
N ARG B 54 18.41 -2.02 -4.23
CA ARG B 54 17.71 -3.21 -3.72
C ARG B 54 17.95 -4.49 -4.53
N ALA B 55 18.33 -4.40 -5.81
CA ALA B 55 18.59 -5.58 -6.64
C ALA B 55 17.44 -6.58 -6.57
N GLN B 56 16.21 -6.06 -6.65
CA GLN B 56 15.01 -6.89 -6.58
C GLN B 56 14.26 -6.89 -7.90
N VAL B 57 13.41 -7.90 -8.06
CA VAL B 57 12.47 -7.98 -9.15
C VAL B 57 11.05 -8.06 -8.57
N PRO B 58 10.07 -7.55 -9.31
CA PRO B 58 10.16 -6.95 -10.65
C PRO B 58 10.70 -5.55 -10.70
N TYR B 59 11.21 -5.17 -11.87
CA TYR B 59 11.77 -3.85 -12.09
C TYR B 59 11.52 -3.53 -13.55
N LEU B 60 10.76 -2.46 -13.81
CA LEU B 60 10.31 -2.12 -15.14
C LEU B 60 11.11 -0.94 -15.66
N ILE B 61 11.66 -1.07 -16.87
CA ILE B 61 12.39 0.01 -17.54
C ILE B 61 11.52 0.54 -18.67
N TYR B 62 11.24 1.85 -18.63
CA TYR B 62 10.34 2.48 -19.57
C TYR B 62 11.12 3.53 -20.37
N GLY B 63 11.13 3.36 -21.69
CA GLY B 63 11.97 4.16 -22.57
C GLY B 63 13.36 3.58 -22.76
N GLY B 64 14.11 4.26 -23.62
CA GLY B 64 15.48 3.90 -23.89
C GLY B 64 15.59 2.87 -25.00
N PRO B 65 16.81 2.50 -25.34
CA PRO B 65 17.04 1.55 -26.43
C PRO B 65 16.91 0.11 -25.94
N GLU B 66 17.08 -0.83 -26.87
CA GLU B 66 17.03 -2.24 -26.53
C GLU B 66 18.00 -2.57 -25.40
N LEU B 67 17.55 -3.43 -24.49
CA LEU B 67 18.28 -3.73 -23.28
C LEU B 67 18.53 -5.23 -23.17
N HIS B 68 19.74 -5.61 -22.84
CA HIS B 68 20.17 -7.02 -22.75
C HIS B 68 20.75 -7.24 -21.37
N PRO B 69 20.90 -8.51 -20.98
CA PRO B 69 21.56 -8.81 -19.70
C PRO B 69 22.98 -8.24 -19.66
N ASP B 70 23.44 -7.96 -18.44
CA ASP B 70 24.79 -7.43 -18.21
C ASP B 70 24.98 -6.05 -18.82
N GLU B 71 23.91 -5.25 -18.92
CA GLU B 71 23.95 -3.89 -19.44
C GLU B 71 23.20 -2.96 -18.48
N ALA B 72 23.70 -1.74 -18.35
CA ALA B 72 23.00 -0.75 -17.55
C ALA B 72 21.90 -0.10 -18.37
N PRO B 73 20.75 0.21 -17.77
CA PRO B 73 19.73 0.99 -18.49
C PRO B 73 20.22 2.40 -18.85
N SER B 74 19.69 2.94 -19.94
CA SER B 74 19.97 4.32 -20.31
C SER B 74 19.62 5.24 -19.14
N PRO B 75 20.49 6.20 -18.77
CA PRO B 75 20.11 7.17 -17.74
C PRO B 75 18.84 7.96 -18.06
N ASP B 76 18.44 7.98 -19.32
CA ASP B 76 17.24 8.71 -19.70
C ASP B 76 15.95 7.90 -19.56
N ALA B 77 16.05 6.59 -19.29
CA ALA B 77 14.86 5.77 -19.13
C ALA B 77 14.36 5.86 -17.68
N ALA B 78 13.07 5.60 -17.50
CA ALA B 78 12.46 5.55 -16.19
C ALA B 78 12.60 4.14 -15.64
N LYS B 79 12.97 4.01 -14.38
CA LYS B 79 13.06 2.71 -13.73
C LYS B 79 12.05 2.66 -12.59
N ILE B 80 11.16 1.67 -12.62
CA ILE B 80 10.07 1.59 -11.66
C ILE B 80 10.06 0.25 -10.94
N PRO B 81 10.38 0.23 -9.65
CA PRO B 81 10.20 -0.97 -8.83
C PRO B 81 8.81 -1.00 -8.22
N GLU B 82 8.59 -2.07 -7.45
CA GLU B 82 7.40 -2.30 -6.62
CA GLU B 82 7.40 -2.30 -6.62
C GLU B 82 6.19 -2.71 -7.45
N SER B 83 5.83 -3.97 -7.36
CA SER B 83 4.80 -4.51 -8.24
C SER B 83 3.52 -3.71 -8.21
N LEU B 84 3.07 -3.28 -7.03
CA LEU B 84 1.80 -2.56 -6.97
C LEU B 84 1.90 -1.19 -7.63
N VAL B 85 3.04 -0.51 -7.48
CA VAL B 85 3.24 0.77 -8.15
C VAL B 85 3.35 0.58 -9.65
N ILE B 86 4.04 -0.49 -10.08
CA ILE B 86 4.11 -0.78 -11.51
C ILE B 86 2.71 -1.02 -12.08
N LEU B 87 1.85 -1.76 -11.37
CA LEU B 87 0.46 -1.96 -11.82
C LEU B 87 -0.27 -0.62 -12.02
N GLU B 88 -0.18 0.31 -11.04
CA GLU B 88 -0.80 1.62 -11.17
C GLU B 88 -0.18 2.40 -12.31
N PHE B 89 1.14 2.24 -12.52
CA PHE B 89 1.82 2.90 -13.64
C PHE B 89 1.24 2.41 -14.96
N LEU B 90 1.12 1.09 -15.12
CA LEU B 90 0.57 0.55 -16.38
C LEU B 90 -0.87 0.99 -16.59
N ALA B 91 -1.66 1.13 -15.52
CA ALA B 91 -3.02 1.62 -15.69
C ALA B 91 -3.01 3.07 -16.17
N ASP B 92 -2.05 3.88 -15.72
CA ASP B 92 -1.92 5.26 -16.20
C ASP B 92 -1.39 5.31 -17.63
N LEU B 93 -0.47 4.41 -17.98
CA LEU B 93 0.21 4.47 -19.29
C LEU B 93 -0.72 4.00 -20.41
N PHE B 94 -1.64 3.09 -20.11
CA PHE B 94 -2.54 2.49 -21.10
C PHE B 94 -3.99 2.76 -20.75
N PRO B 95 -4.42 4.03 -20.78
CA PRO B 95 -5.78 4.35 -20.31
C PRO B 95 -6.88 3.65 -21.09
N ALA B 96 -6.67 3.39 -22.39
CA ALA B 96 -7.70 2.79 -23.21
C ALA B 96 -7.91 1.32 -22.88
N ALA B 97 -6.99 0.71 -22.15
CA ALA B 97 -7.16 -0.66 -21.69
C ALA B 97 -8.01 -0.79 -20.43
N HIS B 98 -8.28 0.31 -19.72
CA HIS B 98 -9.13 0.30 -18.55
C HIS B 98 -8.67 -0.77 -17.54
N LEU B 99 -7.38 -0.71 -17.22
CA LEU B 99 -6.81 -1.64 -16.25
C LEU B 99 -7.29 -1.29 -14.85
N LEU B 100 -7.82 -0.07 -14.68
CA LEU B 100 -8.69 0.28 -13.58
C LEU B 100 -10.00 0.80 -14.17
N PRO B 101 -11.11 0.62 -13.47
CA PRO B 101 -12.39 1.15 -13.98
C PRO B 101 -12.41 2.67 -14.01
N SER B 102 -13.38 3.21 -14.74
CA SER B 102 -13.47 4.66 -14.84
C SER B 102 -14.11 5.28 -13.58
N ASP B 103 -15.07 4.62 -12.96
CA ASP B 103 -15.79 5.26 -11.87
C ASP B 103 -14.90 5.40 -10.63
N PRO B 104 -14.88 6.56 -9.98
CA PRO B 104 -13.98 6.71 -8.81
C PRO B 104 -14.26 5.78 -7.63
N VAL B 105 -15.51 5.45 -7.33
CA VAL B 105 -15.79 4.52 -6.26
C VAL B 105 -15.30 3.10 -6.61
N LEU B 106 -15.52 2.66 -7.86
CA LEU B 106 -15.00 1.35 -8.23
C LEU B 106 -13.49 1.32 -8.24
N ARG B 107 -12.84 2.42 -8.58
CA ARG B 107 -11.38 2.49 -8.44
C ARG B 107 -10.97 2.34 -6.99
N ALA B 108 -11.70 3.00 -6.07
CA ALA B 108 -11.42 2.81 -4.65
C ALA B 108 -11.64 1.36 -4.23
N ARG B 109 -12.71 0.72 -4.72
CA ARG B 109 -12.92 -0.69 -4.44
C ARG B 109 -11.73 -1.55 -4.87
N ALA B 110 -11.18 -1.31 -6.05
CA ALA B 110 -10.02 -2.07 -6.50
C ALA B 110 -8.86 -1.87 -5.54
N ARG B 111 -8.64 -0.62 -5.12
CA ARG B 111 -7.50 -0.33 -4.26
C ARG B 111 -7.69 -0.88 -2.86
N LEU B 112 -8.92 -0.86 -2.32
CA LEU B 112 -9.20 -1.53 -1.04
C LEU B 112 -8.90 -3.02 -1.12
N PHE B 113 -9.27 -3.67 -2.22
CA PHE B 113 -8.99 -5.08 -2.37
C PHE B 113 -7.50 -5.34 -2.38
N THR B 114 -6.76 -4.56 -3.14
CA THR B 114 -5.31 -4.70 -3.19
C THR B 114 -4.70 -4.46 -1.81
N THR B 115 -5.16 -3.44 -1.09
CA THR B 115 -4.63 -3.17 0.25
C THR B 115 -4.77 -4.39 1.14
N ALA B 116 -5.93 -5.04 1.09
CA ALA B 116 -6.18 -6.20 1.92
C ALA B 116 -5.30 -7.38 1.51
N VAL B 117 -5.05 -7.53 0.23
CA VAL B 117 -4.13 -8.58 -0.21
C VAL B 117 -2.77 -8.37 0.43
N GLU B 118 -2.25 -7.13 0.38
CA GLU B 118 -0.88 -6.88 0.82
C GLU B 118 -0.78 -6.91 2.34
N THR B 119 -1.80 -6.43 3.04
CA THR B 119 -1.68 -6.24 4.47
C THR B 119 -2.31 -7.37 5.28
N GLU B 120 -3.15 -8.23 4.66
CA GLU B 120 -3.79 -9.33 5.37
C GLU B 120 -3.48 -10.70 4.77
N LEU B 121 -3.63 -10.88 3.46
CA LEU B 121 -3.45 -12.21 2.87
C LEU B 121 -1.98 -12.61 2.83
N LEU B 122 -1.10 -11.69 2.43
CA LEU B 122 0.32 -12.04 2.38
C LEU B 122 0.90 -12.36 3.74
N PRO B 123 0.66 -11.58 4.80
CA PRO B 123 1.14 -12.01 6.13
C PRO B 123 0.61 -13.36 6.54
N ALA B 124 -0.64 -13.68 6.23
CA ALA B 124 -1.18 -14.99 6.60
C ALA B 124 -0.48 -16.10 5.85
N GLN B 125 -0.18 -15.89 4.56
CA GLN B 125 0.53 -16.90 3.78
C GLN B 125 1.92 -17.14 4.36
N LYS B 126 2.60 -16.08 4.78
CA LYS B 126 3.94 -16.24 5.34
C LYS B 126 3.88 -17.02 6.64
N ALA B 127 2.92 -16.69 7.50
CA ALA B 127 2.74 -17.39 8.78
C ALA B 127 2.51 -18.88 8.56
N PHE B 128 1.79 -19.23 7.50
CA PHE B 128 1.44 -20.62 7.22
C PHE B 128 2.57 -21.37 6.53
N PHE B 129 3.12 -20.80 5.46
CA PHE B 129 4.08 -21.48 4.59
C PHE B 129 5.50 -21.39 5.11
N LEU B 130 5.87 -20.28 5.73
CA LEU B 130 7.26 -20.08 6.13
C LEU B 130 7.50 -20.39 7.59
N MET B 131 6.49 -20.14 8.43
CA MET B 131 6.59 -20.24 9.89
C MET B 131 5.78 -21.39 10.49
N GLY B 132 5.22 -22.26 9.64
CA GLY B 132 4.49 -23.45 10.10
C GLY B 132 3.30 -23.19 10.99
N GLY B 133 2.49 -22.20 10.65
CA GLY B 133 1.34 -21.88 11.45
C GLY B 133 0.15 -22.79 11.15
N PRO B 134 -0.85 -22.70 12.01
CA PRO B 134 -1.97 -23.62 11.93
C PRO B 134 -2.82 -23.35 10.71
N PRO B 135 -3.34 -24.42 10.09
CA PRO B 135 -4.18 -24.25 8.90
C PRO B 135 -5.44 -23.43 9.14
N ASP B 136 -6.01 -23.43 10.35
CA ASP B 136 -7.24 -22.68 10.55
C ASP B 136 -7.02 -21.19 10.34
N ALA B 137 -5.85 -20.66 10.67
CA ALA B 137 -5.62 -19.24 10.49
C ALA B 137 -5.48 -18.90 9.02
N MET B 138 -4.86 -19.79 8.25
CA MET B 138 -4.73 -19.56 6.81
C MET B 138 -6.11 -19.63 6.16
N LEU B 139 -6.93 -20.60 6.57
CA LEU B 139 -8.29 -20.67 6.02
C LEU B 139 -9.16 -19.49 6.45
N ALA B 140 -8.93 -18.93 7.64
CA ALA B 140 -9.68 -17.74 8.03
C ALA B 140 -9.31 -16.55 7.16
N ALA B 141 -8.04 -16.41 6.81
CA ALA B 141 -7.64 -15.35 5.90
C ALA B 141 -8.24 -15.56 4.52
N LEU B 142 -8.38 -16.80 4.10
CA LEU B 142 -8.98 -17.07 2.78
C LEU B 142 -10.48 -16.81 2.82
N ASP B 143 -11.14 -17.12 3.94
CA ASP B 143 -12.54 -16.73 4.13
C ASP B 143 -12.70 -15.23 3.95
N ALA B 144 -11.81 -14.45 4.58
CA ALA B 144 -11.92 -13.00 4.55
C ALA B 144 -11.71 -12.50 3.13
N LEU B 145 -10.70 -13.05 2.45
CA LEU B 145 -10.49 -12.70 1.04
C LEU B 145 -11.72 -13.01 0.20
N GLN B 146 -12.26 -14.19 0.38
CA GLN B 146 -13.42 -14.59 -0.42
C GLN B 146 -14.60 -13.64 -0.16
N ALA B 147 -14.75 -13.16 1.09
CA ALA B 147 -15.87 -12.30 1.42
C ALA B 147 -15.69 -10.90 0.81
N ARG B 148 -14.47 -10.51 0.48
CA ARG B 148 -14.21 -9.26 -0.21
CA ARG B 148 -14.21 -9.25 -0.22
C ARG B 148 -14.52 -9.32 -1.70
N LEU B 149 -14.67 -10.52 -2.28
CA LEU B 149 -15.07 -10.63 -3.67
C LEU B 149 -16.54 -10.25 -3.76
N PRO B 150 -16.97 -9.58 -4.80
CA PRO B 150 -18.41 -9.28 -4.92
C PRO B 150 -19.23 -10.55 -4.86
N PRO B 151 -20.19 -10.63 -3.93
CA PRO B 151 -21.00 -11.86 -3.87
C PRO B 151 -21.90 -12.02 -5.07
N ALA B 152 -22.17 -10.95 -5.81
CA ALA B 152 -23.03 -11.08 -6.98
C ALA B 152 -22.29 -11.48 -8.22
N GLY B 153 -21.00 -11.82 -8.10
CA GLY B 153 -20.22 -12.32 -9.21
C GLY B 153 -19.18 -11.30 -9.68
N GLY B 154 -18.41 -11.72 -10.64
CA GLY B 154 -17.45 -10.84 -11.27
C GLY B 154 -16.06 -10.93 -10.68
N PHE B 155 -15.28 -9.94 -11.06
CA PHE B 155 -13.88 -9.81 -10.68
C PHE B 155 -13.80 -9.01 -9.38
N ALA B 156 -12.57 -8.71 -8.93
CA ALA B 156 -12.44 -8.17 -7.57
C ALA B 156 -13.15 -6.82 -7.41
N ALA B 157 -13.12 -5.99 -8.43
CA ALA B 157 -13.68 -4.65 -8.35
C ALA B 157 -15.09 -4.56 -8.91
N GLY B 158 -15.67 -5.67 -9.37
CA GLY B 158 -16.95 -5.65 -10.08
C GLY B 158 -16.87 -6.46 -11.36
N PRO B 159 -17.83 -6.28 -12.27
CA PRO B 159 -17.83 -7.05 -13.54
C PRO B 159 -16.54 -7.04 -14.37
N GLN B 160 -15.75 -5.97 -14.38
CA GLN B 160 -14.57 -5.84 -15.23
C GLN B 160 -13.28 -6.24 -14.50
N TRP B 161 -12.42 -6.98 -15.21
CA TRP B 161 -11.09 -7.27 -14.70
C TRP B 161 -10.35 -5.96 -14.40
N SER B 162 -9.50 -5.99 -13.37
CA SER B 162 -8.64 -4.84 -13.06
C SER B 162 -7.31 -5.31 -12.47
N ILE B 163 -6.45 -4.31 -12.21
CA ILE B 163 -5.19 -4.59 -11.53
C ILE B 163 -5.37 -5.20 -10.16
N ALA B 164 -6.55 -5.08 -9.54
CA ALA B 164 -6.76 -5.80 -8.30
C ALA B 164 -6.70 -7.31 -8.49
N ASP B 165 -7.19 -7.80 -9.63
CA ASP B 165 -7.11 -9.22 -9.94
C ASP B 165 -5.65 -9.62 -10.23
N ALA B 166 -4.91 -8.76 -10.95
CA ALA B 166 -3.47 -8.97 -11.16
C ALA B 166 -2.74 -9.12 -9.84
N ALA B 167 -3.10 -8.33 -8.85
CA ALA B 167 -2.41 -8.36 -7.56
C ALA B 167 -2.60 -9.66 -6.81
N VAL B 168 -3.78 -10.30 -6.88
CA VAL B 168 -4.06 -11.48 -6.02
C VAL B 168 -3.85 -12.80 -6.77
N MET B 169 -4.09 -12.86 -8.08
CA MET B 169 -4.10 -14.15 -8.74
C MET B 169 -2.78 -14.88 -8.68
N PRO B 170 -1.63 -14.22 -8.78
CA PRO B 170 -0.35 -14.96 -8.69
C PRO B 170 -0.17 -15.61 -7.34
N ILE B 171 -0.67 -14.97 -6.29
CA ILE B 171 -0.60 -15.53 -4.94
C ILE B 171 -1.47 -16.77 -4.82
N LEU B 172 -2.73 -16.69 -5.29
CA LEU B 172 -3.63 -17.84 -5.18
C LEU B 172 -3.09 -19.06 -5.92
N LEU B 173 -2.55 -18.85 -7.11
CA LEU B 173 -2.01 -19.97 -7.90
C LEU B 173 -0.81 -20.62 -7.20
N ARG B 174 0.03 -19.83 -6.53
CA ARG B 174 1.20 -20.37 -5.88
C ARG B 174 0.84 -20.99 -4.55
N LEU B 175 -0.16 -20.44 -3.85
CA LEU B 175 -0.65 -21.10 -2.63
C LEU B 175 -1.20 -22.48 -2.93
N ARG B 176 -1.99 -22.60 -3.99
CA ARG B 176 -2.55 -23.88 -4.37
C ARG B 176 -1.42 -24.84 -4.72
N MET B 177 -0.45 -24.37 -5.49
CA MET B 177 0.70 -25.22 -5.83
C MET B 177 1.40 -25.69 -4.56
N SER B 178 1.68 -24.79 -3.62
CA SER B 178 2.43 -25.17 -2.42
C SER B 178 1.71 -26.24 -1.62
N VAL B 179 0.38 -26.14 -1.49
CA VAL B 179 -0.33 -27.12 -0.68
C VAL B 179 -0.62 -28.39 -1.47
N THR B 180 -0.59 -28.35 -2.79
CA THR B 180 -0.81 -29.57 -3.56
C THR B 180 0.48 -30.39 -3.65
N LEU B 181 1.61 -29.73 -3.87
CA LEU B 181 2.91 -30.39 -3.85
C LEU B 181 3.42 -30.64 -2.44
N GLU B 182 2.80 -30.02 -1.44
CA GLU B 182 3.23 -30.08 -0.05
C GLU B 182 4.65 -29.61 0.12
N VAL B 183 4.99 -28.57 -0.62
CA VAL B 183 6.29 -27.95 -0.60
C VAL B 183 6.20 -26.69 0.25
N GLY B 184 6.79 -26.69 1.43
CA GLY B 184 6.75 -25.57 2.35
C GLY B 184 7.09 -26.03 3.76
N PHE B 185 7.19 -25.05 4.67
CA PHE B 185 7.51 -25.33 6.09
C PHE B 185 6.26 -25.44 6.94
N PHE B 186 5.41 -26.38 6.52
CA PHE B 186 4.09 -26.55 7.09
C PHE B 186 4.13 -27.32 8.40
N ALA B 187 3.30 -26.87 9.36
CA ALA B 187 2.94 -27.64 10.54
C ALA B 187 2.44 -29.02 10.09
N PRO B 188 2.58 -30.04 10.91
CA PRO B 188 2.30 -31.40 10.42
C PRO B 188 0.83 -31.53 10.07
N GLY B 189 0.57 -32.12 8.91
CA GLY B 189 -0.75 -32.26 8.36
C GLY B 189 -1.41 -30.98 7.87
N ALA B 190 -0.76 -29.82 8.02
CA ALA B 190 -1.44 -28.55 7.71
C ALA B 190 -1.72 -28.37 6.22
N ALA B 191 -0.81 -28.79 5.34
CA ALA B 191 -1.03 -28.58 3.92
C ALA B 191 -2.26 -29.29 3.41
N PRO B 192 -2.45 -30.59 3.69
CA PRO B 192 -3.66 -31.27 3.22
C PRO B 192 -4.96 -30.64 3.70
N VAL B 193 -4.96 -30.07 4.91
CA VAL B 193 -6.17 -29.45 5.44
C VAL B 193 -6.58 -28.27 4.56
N VAL B 194 -5.60 -27.43 4.21
CA VAL B 194 -5.86 -26.28 3.34
C VAL B 194 -6.20 -26.73 1.93
N ARG B 195 -5.44 -27.70 1.39
CA ARG B 195 -5.72 -28.18 0.03
C ARG B 195 -7.14 -28.70 -0.08
N ALA B 196 -7.58 -29.49 0.89
CA ALA B 196 -8.93 -30.04 0.83
C ALA B 196 -10.00 -28.95 0.98
N ALA B 197 -9.77 -27.98 1.86
CA ALA B 197 -10.78 -26.94 2.04
C ALA B 197 -10.93 -26.10 0.77
N LEU B 198 -9.80 -25.84 0.09
CA LEU B 198 -9.84 -24.99 -1.10
C LEU B 198 -10.64 -25.61 -2.23
N GLU B 199 -10.79 -26.93 -2.22
CA GLU B 199 -11.62 -27.62 -3.21
C GLU B 199 -13.05 -27.85 -2.75
N SER B 200 -13.45 -27.37 -1.57
CA SER B 200 -14.73 -27.70 -0.96
C SER B 200 -15.78 -26.61 -1.15
N PRO B 201 -17.04 -26.90 -0.78
CA PRO B 201 -18.09 -25.87 -0.89
C PRO B 201 -17.82 -24.60 -0.10
N ARG B 202 -17.02 -24.67 0.97
CA ARG B 202 -16.62 -23.47 1.70
C ARG B 202 -16.08 -22.40 0.76
N PHE B 203 -15.37 -22.81 -0.30
CA PHE B 203 -14.68 -21.87 -1.17
C PHE B 203 -15.25 -21.85 -2.58
N ALA B 204 -16.54 -22.11 -2.74
CA ALA B 204 -17.17 -22.07 -4.06
C ALA B 204 -16.96 -20.73 -4.74
N ARG B 205 -17.18 -19.63 -4.03
CA ARG B 205 -17.05 -18.32 -4.65
C ARG B 205 -15.61 -18.10 -5.12
N LEU B 206 -14.64 -18.42 -4.27
CA LEU B 206 -13.25 -18.24 -4.62
C LEU B 206 -12.83 -19.14 -5.77
N GLN B 207 -13.36 -20.36 -5.81
CA GLN B 207 -13.05 -21.25 -6.92
C GLN B 207 -13.55 -20.67 -8.24
N ARG B 208 -14.77 -20.13 -8.23
CA ARG B 208 -15.33 -19.49 -9.43
C ARG B 208 -14.45 -18.32 -9.86
N TYR B 209 -14.01 -17.51 -8.90
CA TYR B 209 -13.14 -16.37 -9.22
C TYR B 209 -11.83 -16.83 -9.87
N ILE B 210 -11.18 -17.83 -9.27
CA ILE B 210 -9.93 -18.34 -9.85
C ILE B 210 -10.18 -18.84 -11.27
N ALA B 211 -11.24 -19.60 -11.46
CA ALA B 211 -11.53 -20.13 -12.80
C ALA B 211 -11.74 -19.01 -13.81
N ASP B 212 -12.51 -17.99 -13.43
CA ASP B 212 -12.76 -16.85 -14.31
C ASP B 212 -11.45 -16.17 -14.74
N ASN B 213 -10.50 -16.06 -13.83
CA ASN B 213 -9.23 -15.44 -14.18
C ASN B 213 -8.37 -16.35 -15.03
N VAL B 214 -8.31 -17.64 -14.71
CA VAL B 214 -7.51 -18.59 -15.48
C VAL B 214 -8.00 -18.73 -16.91
N ALA B 215 -9.29 -18.52 -17.15
CA ALA B 215 -9.84 -18.65 -18.50
C ALA B 215 -9.46 -17.48 -19.40
N ARG B 216 -8.94 -16.39 -18.86
CA ARG B 216 -8.59 -15.27 -19.73
C ARG B 216 -7.27 -15.51 -20.43
N PRO B 217 -7.10 -15.01 -21.67
CA PRO B 217 -5.83 -15.23 -22.38
C PRO B 217 -4.58 -14.77 -21.65
N SER B 218 -4.70 -13.75 -20.79
CA SER B 218 -3.52 -13.28 -20.07
C SER B 218 -2.95 -14.35 -19.16
N MET B 219 -3.77 -15.30 -18.70
CA MET B 219 -3.20 -16.33 -17.83
C MET B 219 -2.35 -17.31 -18.62
N ALA B 220 -2.85 -17.84 -19.74
CA ALA B 220 -2.02 -18.77 -20.51
C ALA B 220 -0.75 -18.10 -20.98
N ALA B 221 -0.83 -16.80 -21.26
CA ALA B 221 0.35 -16.07 -21.72
C ALA B 221 1.41 -15.85 -20.62
N THR B 222 1.06 -16.00 -19.35
CA THR B 222 1.95 -15.65 -18.28
C THR B 222 2.18 -16.75 -17.26
N TRP B 223 1.46 -17.88 -17.33
CA TRP B 223 1.59 -18.95 -16.35
C TRP B 223 2.17 -20.19 -17.04
N ASP B 224 3.39 -20.51 -16.69
CA ASP B 224 4.12 -21.70 -17.17
C ASP B 224 4.31 -22.55 -15.92
N GLU B 225 3.40 -23.51 -15.74
CA GLU B 225 3.38 -24.29 -14.51
C GLU B 225 4.72 -25.00 -14.27
N ALA B 226 5.31 -25.59 -15.32
CA ALA B 226 6.58 -26.29 -15.14
C ALA B 226 7.68 -25.35 -14.64
N ALA B 227 7.77 -24.15 -15.20
CA ALA B 227 8.82 -23.21 -14.81
C ALA B 227 8.60 -22.69 -13.39
N VAL B 228 7.34 -22.37 -13.06
CA VAL B 228 7.06 -21.86 -11.73
C VAL B 228 7.37 -22.93 -10.68
N LYS B 229 6.90 -24.17 -10.91
CA LYS B 229 7.21 -25.28 -10.01
C LYS B 229 8.72 -25.46 -9.85
N ALA B 230 9.43 -25.52 -10.97
CA ALA B 230 10.86 -25.81 -10.84
C ALA B 230 11.60 -24.77 -10.02
N GLU B 231 11.29 -23.48 -10.21
CA GLU B 231 11.93 -22.44 -9.42
C GLU B 231 11.40 -22.36 -7.99
N PHE B 232 10.09 -22.59 -7.83
CA PHE B 232 9.47 -22.58 -6.49
C PHE B 232 10.07 -23.67 -5.61
N VAL B 233 10.12 -24.91 -6.13
CA VAL B 233 10.71 -26.01 -5.40
C VAL B 233 12.21 -25.78 -5.20
N GLY B 234 12.90 -25.28 -6.24
CA GLY B 234 14.31 -24.96 -6.08
C GLY B 234 14.57 -23.97 -4.97
N ARG B 235 13.75 -22.90 -4.90
CA ARG B 235 13.90 -21.91 -3.83
C ARG B 235 13.64 -22.53 -2.46
N PHE B 236 12.61 -23.37 -2.35
CA PHE B 236 12.34 -24.03 -1.09
C PHE B 236 13.52 -24.90 -0.67
N GLU B 237 14.07 -25.68 -1.61
CA GLU B 237 15.22 -26.52 -1.25
C GLU B 237 16.44 -25.68 -0.83
N LYS B 238 16.67 -24.54 -1.46
CA LYS B 238 17.73 -23.65 -1.00
C LYS B 238 17.45 -23.16 0.43
N LEU B 239 16.22 -22.72 0.69
CA LEU B 239 15.87 -22.26 2.04
C LEU B 239 16.08 -23.36 3.05
N ARG B 240 15.65 -24.57 2.71
CA ARG B 240 15.80 -25.72 3.58
C ARG B 240 17.28 -26.00 3.86
N SER B 241 18.11 -25.88 2.83
CA SER B 241 19.53 -26.23 2.99
C SER B 241 20.28 -25.17 3.77
N LEU B 242 19.93 -23.89 3.65
CA LEU B 242 20.60 -22.89 4.47
C LEU B 242 19.81 -22.80 5.77
N LYS B 243 20.17 -23.67 6.70
CA LYS B 243 19.32 -23.98 7.86
C LYS B 243 19.66 -25.39 8.33
N1 GSH C . -4.74 1.83 7.45
CA1 GSH C . -5.70 2.64 8.20
C1 GSH C . -5.67 4.03 7.59
O11 GSH C . -6.75 4.63 7.51
O12 GSH C . -4.63 4.43 7.05
CB1 GSH C . -5.33 2.69 9.68
CG1 GSH C . -6.49 3.40 10.39
CD1 GSH C . -6.24 3.35 11.91
OE1 GSH C . -5.35 2.73 12.37
N2 GSH C . -7.12 4.11 12.77
CA2 GSH C . -6.93 4.08 14.23
C2 GSH C . -8.36 3.95 14.78
O2 GSH C . -9.21 4.50 14.20
CB2 GSH C . -6.24 5.33 14.79
SG2 GSH C . -5.81 5.10 16.55
N3 GSH C . -8.58 3.11 15.93
CA3 GSH C . -9.85 2.86 16.57
C3 GSH C . -9.50 2.32 17.96
O31 GSH C . -10.40 1.98 18.76
O32 GSH C . -8.27 2.21 18.29
HN11 GSH C . -3.92 1.99 7.75
HN12 GSH C . -4.94 0.96 7.56
HA1 GSH C . -6.58 2.26 8.10
HB12 GSH C . -5.23 1.80 10.03
HB13 GSH C . -4.52 3.19 9.79
HG12 GSH C . -7.32 2.95 10.19
HG13 GSH C . -6.54 4.31 10.09
HN2 GSH C . -7.78 4.55 12.44
HA2 GSH C . -6.42 3.29 14.48
HB22 GSH C . -5.43 5.50 14.29
HB23 GSH C . -6.84 6.09 14.70
HSG GSH C . -4.87 4.35 16.65
HN3 GSH C . -7.90 2.73 16.27
HA31 GSH C . -10.36 2.19 16.08
HA32 GSH C . -10.36 3.68 16.65
C1 GOL D . -19.07 7.94 -8.28
O1 GOL D . -19.11 8.42 -9.62
C2 GOL D . -20.48 7.66 -7.76
O2 GOL D . -21.34 8.82 -7.85
C3 GOL D . -21.01 6.47 -8.57
O3 GOL D . -20.19 5.35 -8.26
H11 GOL D . -18.49 7.01 -8.25
H12 GOL D . -18.58 8.66 -7.64
HO1 GOL D . -18.21 8.66 -9.91
H2 GOL D . -20.41 7.35 -6.72
HO2 GOL D . -21.43 9.10 -8.79
H31 GOL D . -22.05 6.27 -8.30
H32 GOL D . -20.96 6.70 -9.64
HO3 GOL D . -19.83 4.97 -9.10
C1 PEG E . -18.04 -1.52 -3.23
O1 PEG E . -19.09 -2.04 -2.44
C2 PEG E . -17.80 -0.01 -2.96
O2 PEG E . -16.84 0.27 -1.96
C3 PEG E . -15.64 -0.49 -1.96
C4 PEG E . -15.77 -1.54 -0.85
O4 PEG E . -14.87 -2.63 -1.01
H11 PEG E . -17.23 -2.00 -3.02
H12 PEG E . -18.26 -1.64 -4.16
HO1 PEG E . -19.26 -1.51 -1.79
H21 PEG E . -17.51 0.40 -3.80
H22 PEG E . -18.64 0.40 -2.70
H31 PEG E . -15.52 -0.94 -2.82
H32 PEG E . -14.88 0.09 -1.78
H41 PEG E . -15.59 -1.11 0.01
H42 PEG E . -16.68 -1.89 -0.85
HO4 PEG E . -14.10 -2.33 -1.16
#